data_5J6H
#
_entry.id   5J6H
#
_cell.length_a   55.420
_cell.length_b   81.660
_cell.length_c   97.920
_cell.angle_alpha   90.00
_cell.angle_beta   90.00
_cell.angle_gamma   90.00
#
_symmetry.space_group_name_H-M   'P 21 21 21'
#
loop_
_entity.id
_entity.type
_entity.pdbx_description
1 polymer 'H-2 class I histocompatibility antigen, Q10 alpha chain'
2 polymer Beta-2-microglobulin
3 polymer VAL-GLY-ILE-THR-ASN-VAL-ASP-LEU
4 non-polymer 'SODIUM ION'
5 non-polymer NICOTINAMIDE
6 water water
#
loop_
_entity_poly.entity_id
_entity_poly.type
_entity_poly.pdbx_seq_one_letter_code
_entity_poly.pdbx_strand_id
1 'polypeptide(L)'
;MGSHSMRYFETSVSRPGLGEPRFIIVGYVDDTQFVRFDSDAETPRMEPRAPWMEQEGPEYWERETQRAKGNEQSFHVSLR
TLLGYYNQSESGSHTIQWMYGCKVGSDGRFLRGYLQYAYDGRDYIALNEDLKTWTAADVAAIITRRKWEQAGAAEYYRAY
LEAECVEWLLRYLELGKETLLRTDPPKTHVTHHPGSEGDVTLRCWALGFYPADITLTWQLNGEELTQDMELVETRPAGDG
TFQKWASVVVPLGKEQNYTCHVYHEGLPEPLTLRWEPPPSTDSIMSHIADLLWPSLKLWWYL
;
A
2 'polypeptide(L)'
;MIQKTPQIQVYSRHPPENGKPNILNCYVTQFHPPHIEIQMLKNGKKIPKVEMSDMSFSKDWSFYILAHTEFTPTETDTYA
CRVKHASMAEPKTVYWDRDM
;
B
3 'polypeptide(L)' VGITNVDL F
#
# COMPACT_ATOMS: atom_id res chain seq x y z
N GLY A 2 -18.07 3.99 -10.67
CA GLY A 2 -17.73 4.99 -9.67
C GLY A 2 -18.04 4.57 -8.24
N SER A 3 -17.36 5.18 -7.23
CA SER A 3 -16.31 6.20 -7.41
C SER A 3 -14.93 5.55 -7.60
N HIS A 4 -14.07 6.21 -8.38
CA HIS A 4 -12.73 5.73 -8.68
C HIS A 4 -11.71 6.83 -8.54
N SER A 5 -10.47 6.45 -8.26
CA SER A 5 -9.37 7.37 -8.10
C SER A 5 -8.07 6.80 -8.70
N MET A 6 -7.19 7.72 -9.13
CA MET A 6 -5.85 7.42 -9.63
C MET A 6 -4.84 8.09 -8.69
N ARG A 7 -3.84 7.35 -8.23
CA ARG A 7 -2.83 7.83 -7.30
C ARG A 7 -1.41 7.45 -7.76
N TYR A 8 -0.47 8.42 -7.74
CA TYR A 8 0.94 8.17 -8.04
C TYR A 8 1.71 8.39 -6.81
N PHE A 9 2.74 7.57 -6.60
CA PHE A 9 3.60 7.61 -5.43
C PHE A 9 4.99 7.64 -5.91
N GLU A 10 5.63 8.81 -5.79
CA GLU A 10 7.02 9.01 -6.21
C GLU A 10 7.90 9.18 -4.97
N THR A 11 9.00 8.44 -4.92
CA THR A 11 9.96 8.43 -3.80
C THR A 11 11.38 8.50 -4.34
N SER A 12 12.21 9.33 -3.69
CA SER A 12 13.63 9.45 -4.01
C SER A 12 14.39 9.38 -2.70
N VAL A 13 15.40 8.51 -2.64
CA VAL A 13 16.22 8.26 -1.44
C VAL A 13 17.66 8.52 -1.79
N SER A 14 18.33 9.46 -1.06
CA SER A 14 19.74 9.73 -1.33
C SER A 14 20.62 8.62 -0.76
N ARG A 15 21.73 8.35 -1.43
CA ARG A 15 22.67 7.29 -1.04
C ARG A 15 24.06 7.85 -1.19
N PRO A 16 24.50 8.80 -0.31
CA PRO A 16 25.81 9.43 -0.52
C PRO A 16 26.98 8.43 -0.48
N GLY A 17 27.90 8.63 -1.42
CA GLY A 17 29.05 7.78 -1.61
C GLY A 17 28.75 6.64 -2.56
N LEU A 18 27.84 5.72 -2.14
CA LEU A 18 27.41 4.54 -2.91
C LEU A 18 27.16 4.88 -4.39
N GLY A 19 26.34 5.90 -4.65
CA GLY A 19 26.05 6.38 -6.00
C GLY A 19 25.04 7.50 -6.03
N GLU A 20 24.10 7.40 -6.98
CA GLU A 20 23.03 8.37 -7.19
C GLU A 20 21.79 7.97 -6.36
N PRO A 21 20.82 8.87 -6.10
CA PRO A 21 19.66 8.47 -5.31
C PRO A 21 18.77 7.44 -6.03
N ARG A 22 18.04 6.64 -5.26
CA ARG A 22 17.13 5.70 -5.84
C ARG A 22 15.81 6.39 -6.09
N PHE A 23 15.26 6.26 -7.31
CA PHE A 23 13.98 6.87 -7.63
C PHE A 23 13.00 5.81 -8.10
N ILE A 24 11.85 5.79 -7.43
CA ILE A 24 10.78 4.83 -7.69
C ILE A 24 9.48 5.60 -7.84
N ILE A 25 8.68 5.16 -8.81
CA ILE A 25 7.31 5.60 -9.05
C ILE A 25 6.46 4.36 -9.05
N VAL A 26 5.27 4.47 -8.43
CA VAL A 26 4.26 3.45 -8.45
C VAL A 26 2.94 4.17 -8.71
N GLY A 27 2.20 3.70 -9.68
CA GLY A 27 0.87 4.22 -10.00
C GLY A 27 -0.24 3.22 -9.73
N TYR A 28 -1.36 3.70 -9.19
CA TYR A 28 -2.55 2.90 -8.85
C TYR A 28 -3.84 3.49 -9.43
N VAL A 29 -4.75 2.60 -9.88
CA VAL A 29 -6.12 2.89 -10.23
C VAL A 29 -6.86 2.12 -9.15
N ASP A 30 -7.43 2.83 -8.16
CA ASP A 30 -8.07 2.24 -6.97
C ASP A 30 -7.02 1.42 -6.22
N ASP A 31 -7.24 0.09 -5.99
CA ASP A 31 -6.26 -0.73 -5.27
C ASP A 31 -5.41 -1.59 -6.20
N THR A 32 -5.45 -1.28 -7.51
CA THR A 32 -4.70 -2.01 -8.52
C THR A 32 -3.57 -1.17 -9.03
N GLN A 33 -2.31 -1.65 -8.83
CA GLN A 33 -1.09 -1.07 -9.38
C GLN A 33 -1.14 -1.26 -10.91
N PHE A 34 -0.80 -0.21 -11.66
CA PHE A 34 -0.89 -0.31 -13.11
C PHE A 34 0.43 0.10 -13.78
N VAL A 35 1.32 0.88 -13.09
CA VAL A 35 2.63 1.28 -13.64
C VAL A 35 3.71 1.30 -12.58
N ARG A 36 4.95 1.22 -13.02
CA ARG A 36 6.07 1.39 -12.12
C ARG A 36 7.30 1.93 -12.88
N PHE A 37 8.10 2.71 -12.20
CA PHE A 37 9.38 3.17 -12.69
C PHE A 37 10.37 2.86 -11.60
N ASP A 38 11.58 2.42 -11.95
CA ASP A 38 12.63 2.10 -10.98
C ASP A 38 13.95 2.47 -11.57
N SER A 39 14.65 3.47 -10.97
CA SER A 39 15.98 3.96 -11.44
C SER A 39 17.08 2.90 -11.33
N ASP A 40 16.88 1.90 -10.44
CA ASP A 40 17.86 0.83 -10.20
C ASP A 40 17.77 -0.30 -11.24
N ALA A 41 16.75 -0.29 -12.13
CA ALA A 41 16.61 -1.28 -13.19
C ALA A 41 17.72 -1.10 -14.25
N GLU A 42 18.13 -2.21 -14.92
CA GLU A 42 19.18 -2.23 -15.95
C GLU A 42 18.93 -1.08 -16.96
N THR A 43 17.74 -1.08 -17.60
CA THR A 43 17.33 -0.02 -18.52
C THR A 43 16.08 0.65 -17.89
N PRO A 44 16.24 1.68 -17.01
CA PRO A 44 15.06 2.24 -16.31
C PRO A 44 14.05 2.89 -17.25
N ARG A 45 12.81 2.39 -17.19
CA ARG A 45 11.70 2.89 -17.97
C ARG A 45 10.39 2.64 -17.21
N MET A 46 9.36 3.45 -17.48
CA MET A 46 8.02 3.22 -16.95
C MET A 46 7.51 1.96 -17.64
N GLU A 47 7.02 1.04 -16.86
CA GLU A 47 6.54 -0.25 -17.30
C GLU A 47 5.13 -0.50 -16.81
N PRO A 48 4.33 -1.28 -17.58
CA PRO A 48 3.00 -1.67 -17.07
C PRO A 48 3.14 -2.69 -15.94
N ARG A 49 2.15 -2.70 -15.02
CA ARG A 49 2.11 -3.65 -13.92
C ARG A 49 0.76 -4.33 -13.90
N ALA A 50 -0.09 -3.96 -14.82
CA ALA A 50 -1.40 -4.57 -14.98
C ALA A 50 -1.52 -4.98 -16.46
N PRO A 51 -1.88 -6.25 -16.77
CA PRO A 51 -1.92 -6.68 -18.19
C PRO A 51 -2.85 -5.89 -19.13
N TRP A 52 -3.86 -5.17 -18.63
CA TRP A 52 -4.71 -4.29 -19.45
C TRP A 52 -3.95 -2.98 -19.83
N MET A 53 -2.81 -2.69 -19.16
CA MET A 53 -1.99 -1.51 -19.41
C MET A 53 -1.00 -1.76 -20.52
N GLU A 54 -0.68 -3.05 -20.72
CA GLU A 54 0.26 -3.55 -21.71
C GLU A 54 -0.14 -3.16 -23.13
N GLN A 55 -1.46 -2.87 -23.37
CA GLN A 55 -2.05 -2.43 -24.65
C GLN A 55 -1.44 -1.11 -25.14
N GLU A 56 -1.20 -0.16 -24.19
CA GLU A 56 -0.61 1.15 -24.42
C GLU A 56 0.65 0.99 -25.25
N GLY A 57 0.74 1.80 -26.29
CA GLY A 57 1.84 1.74 -27.25
C GLY A 57 3.17 2.36 -26.83
N PRO A 58 4.17 2.26 -27.76
CA PRO A 58 5.51 2.81 -27.48
C PRO A 58 5.55 4.32 -27.23
N GLU A 59 4.66 5.11 -27.86
CA GLU A 59 4.65 6.56 -27.65
C GLU A 59 4.28 6.88 -26.17
N TYR A 60 3.34 6.10 -25.57
CA TYR A 60 2.90 6.26 -24.19
C TYR A 60 4.04 5.99 -23.23
N TRP A 61 4.76 4.87 -23.43
CA TRP A 61 5.85 4.43 -22.58
C TRP A 61 7.05 5.35 -22.68
N GLU A 62 7.38 5.84 -23.89
CA GLU A 62 8.46 6.81 -24.11
C GLU A 62 8.18 8.12 -23.35
N ARG A 63 6.96 8.65 -23.46
CA ARG A 63 6.49 9.87 -22.81
C ARG A 63 6.53 9.73 -21.27
N GLU A 64 6.07 8.59 -20.75
CA GLU A 64 6.05 8.38 -19.30
C GLU A 64 7.43 8.12 -18.75
N THR A 65 8.34 7.51 -19.55
CA THR A 65 9.75 7.32 -19.17
C THR A 65 10.43 8.69 -19.03
N GLN A 66 10.23 9.60 -20.01
CA GLN A 66 10.84 10.94 -20.01
C GLN A 66 10.34 11.77 -18.85
N ARG A 67 9.03 11.72 -18.56
CA ARG A 67 8.44 12.39 -17.40
C ARG A 67 9.06 11.86 -16.12
N ALA A 68 9.24 10.54 -16.00
CA ALA A 68 9.80 9.89 -14.81
C ALA A 68 11.25 10.31 -14.58
N LYS A 69 12.05 10.36 -15.67
CA LYS A 69 13.47 10.75 -15.67
C LYS A 69 13.67 12.24 -15.31
N GLY A 70 12.73 13.08 -15.71
CA GLY A 70 12.76 14.49 -15.37
C GLY A 70 12.49 14.69 -13.88
N ASN A 71 11.51 13.94 -13.33
CA ASN A 71 11.14 13.97 -11.92
C ASN A 71 12.28 13.46 -11.07
N GLU A 72 12.95 12.40 -11.51
CA GLU A 72 14.11 11.84 -10.85
C GLU A 72 15.20 12.90 -10.62
N GLN A 73 15.49 13.69 -11.66
CA GLN A 73 16.50 14.76 -11.59
C GLN A 73 16.04 15.92 -10.73
N SER A 74 14.73 16.23 -10.80
CA SER A 74 14.05 17.26 -10.06
C SER A 74 14.13 16.94 -8.57
N PHE A 75 13.93 15.64 -8.19
CA PHE A 75 14.01 15.25 -6.78
C PHE A 75 15.48 15.12 -6.28
N HIS A 76 16.43 14.89 -7.17
CA HIS A 76 17.89 14.83 -6.90
C HIS A 76 18.38 16.23 -6.49
N VAL A 77 17.83 17.26 -7.13
CA VAL A 77 18.13 18.66 -6.85
C VAL A 77 17.42 19.06 -5.56
N SER A 78 16.15 18.63 -5.40
CA SER A 78 15.32 18.93 -4.22
C SER A 78 15.97 18.41 -2.95
N LEU A 79 16.53 17.16 -3.00
CA LEU A 79 17.22 16.53 -1.88
C LEU A 79 18.42 17.38 -1.43
N ARG A 80 19.18 17.93 -2.40
CA ARG A 80 20.35 18.75 -2.13
C ARG A 80 19.91 20.14 -1.60
N THR A 81 18.76 20.66 -2.06
CA THR A 81 18.20 21.95 -1.63
C THR A 81 17.73 21.84 -0.13
N LEU A 82 16.97 20.78 0.22
CA LEU A 82 16.45 20.56 1.59
C LEU A 82 17.57 20.34 2.57
N LEU A 83 18.73 19.92 2.07
CA LEU A 83 19.91 19.71 2.89
C LEU A 83 20.44 21.05 3.40
N GLY A 84 20.24 22.11 2.62
CA GLY A 84 20.62 23.48 2.95
C GLY A 84 19.58 24.17 3.80
N TYR A 85 18.28 23.83 3.60
CA TYR A 85 17.15 24.37 4.40
C TYR A 85 17.26 23.88 5.84
N TYR A 86 17.59 22.60 6.03
CA TYR A 86 17.73 22.02 7.36
C TYR A 86 19.18 22.06 7.87
N ASN A 87 20.11 22.60 7.05
CA ASN A 87 21.56 22.67 7.34
C ASN A 87 22.10 21.27 7.76
N GLN A 88 21.75 20.24 6.96
CA GLN A 88 22.16 18.86 7.16
C GLN A 88 23.45 18.54 6.37
N SER A 89 24.21 17.50 6.82
CA SER A 89 25.47 17.07 6.21
C SER A 89 25.24 16.29 4.92
N GLU A 90 26.23 16.38 4.00
CA GLU A 90 26.22 15.75 2.68
C GLU A 90 26.40 14.22 2.73
N SER A 91 26.77 13.66 3.91
CA SER A 91 27.03 12.23 4.10
C SER A 91 25.80 11.39 4.53
N GLY A 92 24.65 12.03 4.77
CA GLY A 92 23.48 11.29 5.21
C GLY A 92 22.44 10.98 4.17
N SER A 93 21.72 9.85 4.33
CA SER A 93 20.60 9.38 3.50
C SER A 93 19.30 10.01 3.97
N HIS A 94 18.53 10.54 3.02
CA HIS A 94 17.28 11.24 3.24
C HIS A 94 16.28 10.82 2.18
N THR A 95 15.00 11.02 2.46
CA THR A 95 13.95 10.61 1.54
C THR A 95 12.97 11.76 1.25
N ILE A 96 12.47 11.83 0.02
CA ILE A 96 11.39 12.72 -0.36
C ILE A 96 10.28 11.79 -0.90
N GLN A 97 9.04 12.01 -0.46
CA GLN A 97 7.88 11.25 -0.93
C GLN A 97 6.85 12.23 -1.39
N TRP A 98 6.27 11.94 -2.54
CA TRP A 98 5.23 12.73 -3.20
C TRP A 98 4.10 11.79 -3.57
N MET A 99 2.90 12.13 -3.15
CA MET A 99 1.74 11.36 -3.49
C MET A 99 0.72 12.32 -3.99
N TYR A 100 0.17 12.01 -5.16
CA TYR A 100 -0.83 12.88 -5.74
C TYR A 100 -1.87 12.04 -6.45
N GLY A 101 -3.04 12.64 -6.62
CA GLY A 101 -4.14 11.96 -7.26
C GLY A 101 -5.40 12.75 -7.46
N CYS A 102 -6.38 12.10 -8.08
CA CYS A 102 -7.68 12.67 -8.37
C CYS A 102 -8.72 11.59 -8.24
N LYS A 103 -9.87 11.97 -7.67
CA LYS A 103 -11.04 11.12 -7.48
C LYS A 103 -12.15 11.58 -8.41
N VAL A 104 -12.86 10.62 -8.98
CA VAL A 104 -13.97 10.80 -9.88
C VAL A 104 -15.20 10.09 -9.22
N GLY A 105 -16.41 10.53 -9.53
CA GLY A 105 -17.62 9.92 -8.98
C GLY A 105 -18.17 8.82 -9.85
N SER A 106 -19.45 8.45 -9.60
CA SER A 106 -20.17 7.41 -10.35
C SER A 106 -20.43 7.81 -11.81
N ASP A 107 -20.48 9.12 -12.08
CA ASP A 107 -20.77 9.76 -13.38
C ASP A 107 -19.82 9.30 -14.55
N GLY A 108 -18.49 9.50 -14.50
CA GLY A 108 -17.68 10.10 -13.44
C GLY A 108 -17.04 11.43 -13.81
N ARG A 109 -17.40 12.47 -13.05
CA ARG A 109 -16.90 13.83 -13.15
C ARG A 109 -15.97 14.09 -11.94
N PHE A 110 -15.14 15.17 -11.99
CA PHE A 110 -14.19 15.52 -10.93
C PHE A 110 -14.86 15.70 -9.55
N LEU A 111 -14.38 14.91 -8.57
CA LEU A 111 -14.85 14.89 -7.19
C LEU A 111 -13.89 15.63 -6.27
N ARG A 112 -12.62 15.14 -6.20
CA ARG A 112 -11.56 15.60 -5.30
C ARG A 112 -10.17 15.43 -5.98
N GLY A 113 -9.23 16.26 -5.56
CA GLY A 113 -7.84 16.25 -6.04
C GLY A 113 -6.92 16.30 -4.83
N TYR A 114 -5.74 15.65 -4.93
CA TYR A 114 -4.83 15.68 -3.78
C TYR A 114 -3.38 15.68 -4.25
N LEU A 115 -2.51 16.43 -3.54
CA LEU A 115 -1.09 16.56 -3.81
C LEU A 115 -0.36 16.94 -2.52
N GLN A 116 0.61 16.12 -2.08
CA GLN A 116 1.36 16.38 -0.86
C GLN A 116 2.74 15.73 -0.86
N TYR A 117 3.66 16.30 -0.05
CA TYR A 117 5.02 15.81 0.11
C TYR A 117 5.38 15.56 1.51
N ALA A 118 6.39 14.70 1.68
CA ALA A 118 7.02 14.30 2.92
C ALA A 118 8.53 14.35 2.76
N TYR A 119 9.23 14.66 3.82
CA TYR A 119 10.69 14.61 3.87
C TYR A 119 10.99 13.76 5.05
N ASP A 120 11.81 12.69 4.88
CA ASP A 120 12.24 11.76 5.92
C ASP A 120 11.05 11.18 6.73
N GLY A 121 9.99 10.78 6.03
CA GLY A 121 8.80 10.18 6.59
C GLY A 121 7.77 11.11 7.21
N ARG A 122 7.99 12.41 7.13
CA ARG A 122 7.06 13.35 7.74
C ARG A 122 6.64 14.42 6.78
N ASP A 123 5.38 14.88 6.93
CA ASP A 123 4.77 15.97 6.18
C ASP A 123 5.73 17.10 5.96
N TYR A 124 5.74 17.60 4.75
CA TYR A 124 6.63 18.68 4.38
C TYR A 124 5.77 19.84 3.88
N ILE A 125 5.04 19.65 2.77
CA ILE A 125 4.13 20.64 2.19
C ILE A 125 2.98 19.91 1.49
N ALA A 126 1.78 20.47 1.54
CA ALA A 126 0.59 19.86 0.96
C ALA A 126 -0.26 20.90 0.29
N LEU A 127 -0.92 20.52 -0.81
CA LEU A 127 -1.84 21.40 -1.51
C LEU A 127 -3.15 21.29 -0.80
N ASN A 128 -3.83 22.40 -0.59
CA ASN A 128 -5.08 22.39 0.16
C ASN A 128 -6.22 21.80 -0.69
N GLU A 129 -7.38 21.56 -0.05
CA GLU A 129 -8.56 21.03 -0.71
C GLU A 129 -9.00 21.94 -1.88
N ASP A 130 -8.78 23.27 -1.73
CA ASP A 130 -9.12 24.29 -2.72
C ASP A 130 -8.22 24.23 -3.95
N LEU A 131 -7.13 23.42 -3.90
CA LEU A 131 -6.14 23.27 -4.98
C LEU A 131 -5.51 24.63 -5.35
N LYS A 132 -5.63 25.62 -4.47
CA LYS A 132 -5.14 26.98 -4.70
C LYS A 132 -4.05 27.40 -3.73
N THR A 133 -4.13 26.96 -2.45
CA THR A 133 -3.20 27.36 -1.38
C THR A 133 -2.41 26.15 -0.78
N TRP A 134 -1.31 26.44 -0.07
CA TRP A 134 -0.41 25.45 0.51
C TRP A 134 -0.35 25.41 2.03
N THR A 135 -0.11 24.21 2.59
CA THR A 135 0.10 24.01 4.02
C THR A 135 1.52 23.46 4.22
N ALA A 136 2.42 24.34 4.70
CA ALA A 136 3.82 24.06 5.04
C ALA A 136 3.83 23.46 6.44
N ALA A 137 4.59 22.36 6.65
CA ALA A 137 4.62 21.68 7.95
C ALA A 137 5.71 22.21 8.89
N ASP A 138 6.76 22.83 8.36
CA ASP A 138 7.84 23.38 9.19
C ASP A 138 8.42 24.61 8.52
N VAL A 139 9.45 25.22 9.13
CA VAL A 139 10.11 26.44 8.65
C VAL A 139 10.82 26.24 7.29
N ALA A 140 11.28 25.01 6.99
CA ALA A 140 11.90 24.76 5.70
C ALA A 140 10.84 24.78 4.61
N ALA A 141 9.66 24.18 4.89
CA ALA A 141 8.54 24.08 3.97
C ALA A 141 7.96 25.51 3.62
N ILE A 142 8.09 26.46 4.55
CA ILE A 142 7.73 27.89 4.35
C ILE A 142 8.59 28.46 3.19
N ILE A 143 9.91 28.10 3.12
CA ILE A 143 10.81 28.57 2.06
C ILE A 143 10.27 28.03 0.71
N THR A 144 10.00 26.70 0.61
CA THR A 144 9.43 26.05 -0.57
C THR A 144 8.08 26.71 -0.95
N ARG A 145 7.17 26.96 0.04
CA ARG A 145 5.84 27.54 -0.19
C ARG A 145 5.92 28.94 -0.85
N ARG A 146 6.76 29.82 -0.32
CA ARG A 146 7.01 31.17 -0.84
C ARG A 146 7.51 31.14 -2.29
N LYS A 147 8.43 30.21 -2.61
CA LYS A 147 9.02 29.99 -3.94
C LYS A 147 7.92 29.52 -4.92
N TRP A 148 7.11 28.54 -4.50
CA TRP A 148 6.03 27.96 -5.29
C TRP A 148 4.85 28.90 -5.41
N GLU A 149 4.74 29.93 -4.53
CA GLU A 149 3.62 30.87 -4.63
C GLU A 149 3.91 31.84 -5.77
N GLN A 150 5.19 32.22 -5.92
CA GLN A 150 5.71 33.11 -6.95
C GLN A 150 5.63 32.47 -8.33
N ALA A 151 6.02 31.19 -8.42
CA ALA A 151 6.10 30.39 -9.64
C ALA A 151 4.73 29.94 -10.17
N GLY A 152 3.69 30.08 -9.34
CA GLY A 152 2.32 29.68 -9.65
C GLY A 152 2.21 28.17 -9.74
N ALA A 153 2.87 27.46 -8.81
CA ALA A 153 2.90 25.99 -8.81
C ALA A 153 1.55 25.38 -8.53
N ALA A 154 0.70 26.00 -7.68
CA ALA A 154 -0.64 25.44 -7.39
C ALA A 154 -1.55 25.44 -8.62
N GLU A 155 -1.46 26.48 -9.49
CA GLU A 155 -2.25 26.62 -10.73
C GLU A 155 -1.90 25.53 -11.75
N TYR A 156 -0.57 25.27 -11.96
CA TYR A 156 -0.04 24.22 -12.84
C TYR A 156 -0.54 22.82 -12.42
N TYR A 157 -0.49 22.55 -11.09
CA TYR A 157 -0.91 21.28 -10.52
C TYR A 157 -2.43 21.14 -10.50
N ARG A 158 -3.18 22.27 -10.29
CA ARG A 158 -4.64 22.30 -10.26
C ARG A 158 -5.20 21.92 -11.62
N ALA A 159 -4.59 22.42 -12.71
CA ALA A 159 -5.00 22.14 -14.09
C ALA A 159 -4.90 20.66 -14.35
N TYR A 160 -3.76 20.04 -13.96
CA TYR A 160 -3.56 18.62 -14.07
C TYR A 160 -4.62 17.84 -13.30
N LEU A 161 -4.76 18.06 -11.97
CA LEU A 161 -5.69 17.35 -11.07
C LEU A 161 -7.16 17.44 -11.47
N GLU A 162 -7.64 18.63 -11.92
CA GLU A 162 -9.02 18.86 -12.34
C GLU A 162 -9.33 18.36 -13.75
N ALA A 163 -8.33 18.38 -14.65
CA ALA A 163 -8.59 18.01 -16.04
C ALA A 163 -7.74 16.81 -16.51
N GLU A 164 -6.44 17.01 -16.80
CA GLU A 164 -5.52 16.00 -17.32
C GLU A 164 -5.61 14.67 -16.54
N CYS A 165 -5.59 14.73 -15.20
CA CYS A 165 -5.65 13.58 -14.31
C CYS A 165 -6.92 12.76 -14.51
N VAL A 166 -8.07 13.45 -14.60
CA VAL A 166 -9.41 12.88 -14.74
C VAL A 166 -9.58 12.24 -16.11
N GLU A 167 -9.15 12.90 -17.20
CA GLU A 167 -9.31 12.28 -18.51
C GLU A 167 -8.47 11.00 -18.68
N TRP A 168 -7.28 10.93 -18.10
CA TRP A 168 -6.42 9.74 -18.17
C TRP A 168 -6.94 8.58 -17.29
N LEU A 169 -7.47 8.89 -16.09
CA LEU A 169 -8.08 7.91 -15.21
C LEU A 169 -9.27 7.25 -15.96
N LEU A 170 -10.11 8.05 -16.66
CA LEU A 170 -11.26 7.51 -17.42
C LEU A 170 -10.82 6.61 -18.59
N ARG A 171 -9.67 6.91 -19.23
CA ARG A 171 -9.05 6.11 -20.27
C ARG A 171 -8.57 4.77 -19.69
N TYR A 172 -7.92 4.79 -18.47
CA TYR A 172 -7.46 3.56 -17.83
C TYR A 172 -8.61 2.77 -17.32
N LEU A 173 -9.71 3.44 -16.93
CA LEU A 173 -10.92 2.76 -16.46
C LEU A 173 -11.57 2.02 -17.61
N GLU A 174 -11.53 2.61 -18.83
CA GLU A 174 -12.04 2.01 -20.07
C GLU A 174 -11.11 0.83 -20.47
N LEU A 175 -9.77 1.04 -20.62
CA LEU A 175 -8.77 -0.02 -20.86
C LEU A 175 -8.92 -1.24 -19.94
N GLY A 176 -9.08 -1.00 -18.65
CA GLY A 176 -9.19 -2.06 -17.66
C GLY A 176 -10.58 -2.32 -17.11
N LYS A 177 -11.66 -1.99 -17.88
CA LYS A 177 -13.07 -2.18 -17.46
C LYS A 177 -13.41 -3.63 -17.10
N GLU A 178 -12.88 -4.63 -17.84
CA GLU A 178 -13.14 -6.05 -17.58
C GLU A 178 -12.78 -6.49 -16.13
N THR A 179 -11.89 -5.75 -15.42
CA THR A 179 -11.50 -6.10 -14.05
C THR A 179 -11.60 -4.94 -13.07
N LEU A 180 -11.27 -3.71 -13.50
CA LEU A 180 -11.28 -2.51 -12.63
C LEU A 180 -12.65 -2.16 -12.10
N LEU A 181 -13.70 -2.46 -12.87
CA LEU A 181 -15.08 -2.12 -12.54
C LEU A 181 -15.80 -3.23 -11.76
N ARG A 182 -15.08 -4.29 -11.38
CA ARG A 182 -15.64 -5.39 -10.59
C ARG A 182 -15.62 -5.06 -9.08
N THR A 183 -16.53 -5.68 -8.33
CA THR A 183 -16.54 -5.61 -6.88
C THR A 183 -16.71 -7.06 -6.44
N ASP A 184 -15.61 -7.70 -6.03
CA ASP A 184 -15.66 -9.10 -5.57
C ASP A 184 -16.05 -9.10 -4.11
N PRO A 185 -17.25 -9.63 -3.81
CA PRO A 185 -17.74 -9.63 -2.41
C PRO A 185 -16.92 -10.56 -1.52
N PRO A 186 -16.83 -10.24 -0.22
CA PRO A 186 -16.07 -11.10 0.71
C PRO A 186 -16.64 -12.52 0.89
N LYS A 187 -15.74 -13.51 0.92
CA LYS A 187 -16.06 -14.90 1.23
C LYS A 187 -15.72 -15.02 2.71
N THR A 188 -16.75 -15.16 3.54
CA THR A 188 -16.66 -15.13 5.00
C THR A 188 -16.94 -16.47 5.69
N HIS A 189 -16.25 -16.68 6.84
CA HIS A 189 -16.40 -17.85 7.71
C HIS A 189 -15.90 -17.52 9.12
N VAL A 190 -16.55 -18.11 10.14
CA VAL A 190 -16.15 -17.93 11.54
C VAL A 190 -15.44 -19.20 11.99
N THR A 191 -14.17 -19.08 12.46
CA THR A 191 -13.42 -20.20 13.04
C THR A 191 -13.52 -20.13 14.57
N HIS A 192 -13.40 -21.29 15.22
CA HIS A 192 -13.49 -21.48 16.66
C HIS A 192 -12.16 -22.05 17.20
N HIS A 193 -11.62 -21.44 18.27
CA HIS A 193 -10.38 -21.87 18.92
C HIS A 193 -10.52 -21.82 20.46
N PRO A 194 -10.63 -22.99 21.16
CA PRO A 194 -10.74 -22.97 22.65
C PRO A 194 -9.46 -22.47 23.36
N GLY A 195 -9.59 -22.15 24.66
CA GLY A 195 -8.49 -21.63 25.47
C GLY A 195 -8.37 -22.31 26.81
N GLU A 197 -8.55 -20.21 29.75
CA GLU A 197 -9.25 -19.97 31.00
C GLU A 197 -10.77 -20.35 30.88
N GLY A 198 -11.07 -21.34 30.04
CA GLY A 198 -12.43 -21.81 29.78
C GLY A 198 -13.19 -20.91 28.82
N ASP A 199 -12.46 -20.16 27.97
CA ASP A 199 -13.04 -19.26 26.96
C ASP A 199 -12.74 -19.79 25.55
N VAL A 200 -13.38 -19.18 24.55
CA VAL A 200 -13.26 -19.57 23.15
C VAL A 200 -12.91 -18.33 22.29
N THR A 201 -11.97 -18.49 21.34
CA THR A 201 -11.66 -17.43 20.39
C THR A 201 -12.48 -17.68 19.12
N LEU A 202 -13.26 -16.65 18.76
CA LEU A 202 -14.10 -16.63 17.56
C LEU A 202 -13.40 -15.75 16.57
N ARG A 203 -13.04 -16.28 15.39
CA ARG A 203 -12.33 -15.50 14.40
C ARG A 203 -13.14 -15.45 13.08
N CYS A 204 -13.64 -14.24 12.77
CA CYS A 204 -14.41 -13.92 11.58
C CYS A 204 -13.44 -13.57 10.44
N TRP A 205 -13.45 -14.38 9.41
CA TRP A 205 -12.61 -14.22 8.24
C TRP A 205 -13.38 -13.62 7.09
N ALA A 206 -12.71 -12.78 6.31
CA ALA A 206 -13.21 -12.18 5.09
C ALA A 206 -12.10 -12.32 4.07
N LEU A 207 -12.33 -13.14 3.03
CA LEU A 207 -11.32 -13.42 1.99
C LEU A 207 -11.87 -13.07 0.61
N GLY A 208 -10.97 -12.97 -0.35
CA GLY A 208 -11.25 -12.76 -1.77
C GLY A 208 -12.05 -11.54 -2.15
N PHE A 209 -11.96 -10.46 -1.34
CA PHE A 209 -12.72 -9.24 -1.62
C PHE A 209 -11.87 -8.19 -2.36
N TYR A 210 -12.56 -7.34 -3.12
CA TYR A 210 -11.98 -6.24 -3.88
C TYR A 210 -13.08 -5.19 -4.12
N PRO A 211 -12.91 -3.89 -3.77
CA PRO A 211 -11.69 -3.22 -3.26
C PRO A 211 -11.35 -3.59 -1.80
N ALA A 212 -10.16 -3.13 -1.32
CA ALA A 212 -9.63 -3.41 0.03
C ALA A 212 -10.49 -2.86 1.20
N ASP A 213 -11.15 -1.69 0.99
CA ASP A 213 -11.96 -1.07 2.01
C ASP A 213 -13.05 -2.02 2.56
N ILE A 214 -12.90 -2.46 3.83
CA ILE A 214 -13.85 -3.36 4.50
C ILE A 214 -13.98 -3.01 6.01
N THR A 215 -15.11 -3.39 6.60
CA THR A 215 -15.37 -3.26 8.04
C THR A 215 -15.94 -4.58 8.55
N LEU A 216 -15.31 -5.10 9.61
CA LEU A 216 -15.65 -6.32 10.33
C LEU A 216 -15.95 -5.94 11.76
N THR A 217 -17.15 -6.27 12.25
CA THR A 217 -17.51 -5.95 13.64
C THR A 217 -18.14 -7.15 14.33
N TRP A 218 -17.95 -7.29 15.65
CA TRP A 218 -18.62 -8.35 16.38
C TRP A 218 -19.76 -7.73 17.20
N GLN A 219 -20.89 -8.39 17.26
CA GLN A 219 -22.02 -7.87 18.01
C GLN A 219 -22.57 -8.88 19.00
N LEU A 220 -23.08 -8.37 20.12
CA LEU A 220 -23.78 -9.15 21.13
C LEU A 220 -25.07 -8.44 21.41
N ASN A 221 -26.20 -9.07 21.01
CA ASN A 221 -27.57 -8.55 21.20
C ASN A 221 -27.67 -7.09 20.67
N GLY A 222 -27.41 -6.92 19.38
CA GLY A 222 -27.47 -5.64 18.68
C GLY A 222 -26.37 -4.63 18.95
N GLU A 223 -25.51 -4.86 19.98
CA GLU A 223 -24.43 -3.94 20.37
C GLU A 223 -23.00 -4.40 19.92
N GLU A 224 -22.25 -3.47 19.32
CA GLU A 224 -20.91 -3.71 18.80
C GLU A 224 -19.88 -3.82 19.89
N LEU A 225 -19.00 -4.82 19.78
CA LEU A 225 -17.97 -5.07 20.77
C LEU A 225 -16.66 -4.38 20.34
N THR A 226 -16.60 -3.05 20.54
CA THR A 226 -15.44 -2.21 20.20
C THR A 226 -14.20 -2.61 21.04
N GLN A 227 -14.40 -2.78 22.36
CA GLN A 227 -13.37 -3.17 23.31
C GLN A 227 -13.12 -4.69 23.27
N ASP A 228 -11.88 -5.13 23.61
CA ASP A 228 -11.42 -6.52 23.65
C ASP A 228 -11.65 -7.28 22.29
N MET A 229 -11.54 -6.56 21.16
CA MET A 229 -11.72 -7.12 19.83
C MET A 229 -10.41 -7.03 19.10
N GLU A 230 -9.75 -8.20 18.83
CA GLU A 230 -8.50 -8.26 18.06
C GLU A 230 -8.85 -8.16 16.58
N LEU A 231 -7.93 -7.59 15.80
CA LEU A 231 -8.15 -7.28 14.38
C LEU A 231 -6.80 -7.15 13.67
N VAL A 232 -6.68 -7.68 12.45
CA VAL A 232 -5.45 -7.57 11.66
C VAL A 232 -5.64 -6.51 10.57
N GLU A 233 -4.53 -5.93 10.12
CA GLU A 233 -4.52 -5.01 8.97
C GLU A 233 -4.92 -5.75 7.72
N THR A 234 -5.71 -5.09 6.84
CA THR A 234 -6.15 -5.63 5.56
C THR A 234 -4.90 -5.97 4.76
N ARG A 235 -4.74 -7.24 4.43
CA ARG A 235 -3.58 -7.76 3.73
C ARG A 235 -3.93 -8.26 2.32
N PRO A 236 -3.02 -8.07 1.34
CA PRO A 236 -3.32 -8.57 0.01
C PRO A 236 -3.10 -10.10 -0.10
N ALA A 237 -3.97 -10.80 -0.81
CA ALA A 237 -3.81 -12.24 -1.08
C ALA A 237 -2.75 -12.46 -2.15
N GLY A 238 -2.52 -11.43 -2.98
CA GLY A 238 -1.51 -11.45 -4.03
C GLY A 238 -2.02 -11.80 -5.41
N ASP A 239 -3.33 -12.10 -5.52
CA ASP A 239 -4.06 -12.46 -6.74
C ASP A 239 -5.04 -11.33 -7.17
N GLY A 240 -4.90 -10.16 -6.56
CA GLY A 240 -5.79 -9.03 -6.79
C GLY A 240 -6.85 -8.84 -5.70
N THR A 241 -7.00 -9.82 -4.79
CA THR A 241 -7.99 -9.71 -3.71
C THR A 241 -7.31 -9.47 -2.36
N PHE A 242 -8.10 -9.05 -1.37
CA PHE A 242 -7.62 -8.77 -0.03
C PHE A 242 -8.26 -9.74 0.99
N GLN A 243 -7.69 -9.79 2.21
CA GLN A 243 -8.07 -10.61 3.36
C GLN A 243 -8.07 -9.78 4.64
N LYS A 244 -8.90 -10.17 5.61
CA LYS A 244 -8.96 -9.51 6.91
C LYS A 244 -9.67 -10.42 7.90
N TRP A 245 -9.29 -10.36 9.17
CA TRP A 245 -10.03 -11.10 10.20
C TRP A 245 -10.13 -10.24 11.46
N ALA A 246 -11.15 -10.55 12.27
CA ALA A 246 -11.52 -9.93 13.54
C ALA A 246 -11.94 -11.06 14.50
N SER A 247 -11.30 -11.11 15.66
CA SER A 247 -11.55 -12.12 16.67
C SER A 247 -12.07 -11.50 17.95
N VAL A 248 -12.79 -12.30 18.73
CA VAL A 248 -13.34 -11.99 20.05
C VAL A 248 -13.15 -13.22 20.91
N VAL A 249 -13.12 -13.02 22.23
CA VAL A 249 -12.95 -14.07 23.22
C VAL A 249 -14.20 -14.03 24.03
N VAL A 250 -14.98 -15.11 23.93
CA VAL A 250 -16.32 -15.25 24.50
C VAL A 250 -16.34 -16.48 25.43
N PRO A 251 -17.35 -16.64 26.34
CA PRO A 251 -17.36 -17.82 27.22
C PRO A 251 -17.71 -19.11 26.47
N LEU A 252 -17.08 -20.22 26.87
CA LEU A 252 -17.27 -21.53 26.26
C LEU A 252 -18.77 -21.88 26.17
N GLY A 253 -19.21 -22.32 24.99
CA GLY A 253 -20.61 -22.70 24.75
C GLY A 253 -21.57 -21.56 24.46
N LYS A 254 -21.07 -20.30 24.45
CA LYS A 254 -21.90 -19.11 24.20
C LYS A 254 -21.66 -18.50 22.82
N GLU A 255 -21.02 -19.24 21.91
CA GLU A 255 -20.63 -18.84 20.55
C GLU A 255 -21.80 -18.37 19.69
N GLN A 256 -22.99 -18.99 19.83
CA GLN A 256 -24.16 -18.62 19.03
C GLN A 256 -24.68 -17.20 19.31
N ASN A 257 -24.27 -16.59 20.43
CA ASN A 257 -24.74 -15.25 20.81
C ASN A 257 -24.00 -14.14 20.13
N TYR A 258 -22.87 -14.44 19.48
CA TYR A 258 -22.02 -13.43 18.86
C TYR A 258 -22.08 -13.58 17.37
N THR A 259 -22.30 -12.45 16.71
CA THR A 259 -22.44 -12.35 15.28
C THR A 259 -21.42 -11.39 14.74
N CYS A 260 -20.87 -11.71 13.59
CA CYS A 260 -19.90 -10.90 12.88
C CYS A 260 -20.63 -10.17 11.78
N HIS A 261 -20.48 -8.86 11.71
CA HIS A 261 -21.11 -8.01 10.68
C HIS A 261 -20.03 -7.53 9.67
N VAL A 262 -20.26 -7.75 8.36
CA VAL A 262 -19.31 -7.44 7.28
C VAL A 262 -19.90 -6.35 6.38
N TYR A 263 -19.11 -5.29 6.14
CA TYR A 263 -19.44 -4.12 5.33
C TYR A 263 -18.43 -3.99 4.19
N HIS A 264 -18.92 -4.09 2.96
CA HIS A 264 -18.12 -4.00 1.74
C HIS A 264 -19.00 -3.40 0.64
N GLU A 265 -18.41 -2.62 -0.29
CA GLU A 265 -19.21 -2.01 -1.36
C GLU A 265 -19.78 -3.07 -2.32
N GLY A 266 -19.13 -4.24 -2.37
CA GLY A 266 -19.55 -5.39 -3.17
C GLY A 266 -20.73 -6.17 -2.58
N LEU A 267 -21.23 -5.74 -1.40
CA LEU A 267 -22.40 -6.33 -0.74
C LEU A 267 -23.59 -5.36 -0.78
N PRO A 268 -24.74 -5.76 -1.39
CA PRO A 268 -25.92 -4.86 -1.36
C PRO A 268 -26.32 -4.56 0.09
N GLU A 269 -26.44 -5.60 0.94
CA GLU A 269 -26.71 -5.48 2.39
C GLU A 269 -25.52 -6.05 3.20
N PRO A 270 -25.24 -5.55 4.44
CA PRO A 270 -24.15 -6.15 5.24
C PRO A 270 -24.40 -7.61 5.58
N LEU A 271 -23.34 -8.42 5.60
CA LEU A 271 -23.40 -9.83 5.97
C LEU A 271 -23.47 -9.98 7.47
N THR A 272 -24.12 -11.04 7.92
CA THR A 272 -24.26 -11.39 9.34
C THR A 272 -23.95 -12.88 9.42
N LEU A 273 -22.96 -13.26 10.22
CA LEU A 273 -22.56 -14.64 10.34
C LEU A 273 -22.09 -14.96 11.76
N ARG A 274 -22.15 -16.24 12.11
CA ARG A 274 -21.69 -16.68 13.40
C ARG A 274 -21.01 -18.02 13.26
N TRP A 275 -20.45 -18.53 14.35
CA TRP A 275 -19.83 -19.84 14.37
C TRP A 275 -20.94 -20.87 14.10
N GLU A 276 -20.70 -21.80 13.16
CA GLU A 276 -21.68 -22.83 12.78
C GLU A 276 -21.18 -24.22 13.24
N PRO A 277 -21.83 -24.77 14.29
CA PRO A 277 -21.46 -26.11 14.78
C PRO A 277 -21.70 -27.20 13.74
N ILE B 2 14.17 9.52 12.84
CA ILE B 2 12.81 9.07 12.52
C ILE B 2 12.77 7.65 11.90
N GLN B 3 13.01 6.60 12.71
CA GLN B 3 13.00 5.20 12.25
C GLN B 3 11.74 4.50 12.74
N LYS B 4 11.14 3.70 11.86
CA LYS B 4 9.93 2.93 12.12
C LYS B 4 10.19 1.50 11.72
N THR B 5 10.02 0.61 12.69
CA THR B 5 10.23 -0.82 12.57
C THR B 5 9.16 -1.48 11.65
N PRO B 6 9.62 -2.36 10.74
CA PRO B 6 8.65 -3.12 9.91
C PRO B 6 7.69 -4.00 10.71
N GLN B 7 6.41 -4.01 10.33
CA GLN B 7 5.42 -4.89 10.94
C GLN B 7 5.15 -6.03 9.95
N ILE B 8 5.13 -7.28 10.42
CA ILE B 8 5.04 -8.41 9.52
C ILE B 8 3.80 -9.32 9.74
N GLN B 9 3.18 -9.74 8.65
CA GLN B 9 2.14 -10.76 8.57
C GLN B 9 2.62 -11.84 7.62
N VAL B 10 2.57 -13.08 8.05
CA VAL B 10 2.92 -14.27 7.27
C VAL B 10 1.62 -15.08 7.12
N TYR B 11 1.16 -15.33 5.88
CA TYR B 11 -0.13 -16.01 5.64
C TYR B 11 -0.22 -16.63 4.23
N SER B 12 -1.05 -17.64 4.09
CA SER B 12 -1.31 -18.30 2.82
C SER B 12 -2.33 -17.50 2.01
N ARG B 13 -2.19 -17.53 0.67
CA ARG B 13 -3.10 -16.90 -0.29
C ARG B 13 -4.50 -17.50 -0.13
N HIS B 14 -4.59 -18.85 0.04
CA HIS B 14 -5.84 -19.59 0.20
C HIS B 14 -5.88 -20.33 1.54
N PRO B 15 -7.07 -20.64 2.13
CA PRO B 15 -7.10 -21.45 3.39
C PRO B 15 -6.17 -22.68 3.26
N PRO B 16 -5.21 -22.91 4.19
CA PRO B 16 -4.25 -24.00 3.98
C PRO B 16 -4.80 -25.40 4.22
N GLU B 17 -4.35 -26.32 3.34
CA GLU B 17 -4.64 -27.76 3.35
C GLU B 17 -3.32 -28.49 3.15
N ASN B 18 -3.04 -29.47 4.02
CA ASN B 18 -1.81 -30.27 3.96
C ASN B 18 -1.70 -31.09 2.66
N GLY B 19 -0.61 -30.86 1.91
CA GLY B 19 -0.33 -31.57 0.67
C GLY B 19 -0.95 -30.92 -0.53
N LYS B 20 -1.60 -29.75 -0.35
CA LYS B 20 -2.17 -28.98 -1.46
C LYS B 20 -1.30 -27.71 -1.65
N PRO B 21 -0.60 -27.63 -2.81
CA PRO B 21 0.25 -26.45 -3.07
C PRO B 21 -0.50 -25.11 -3.01
N ASN B 22 0.17 -24.11 -2.42
CA ASN B 22 -0.36 -22.78 -2.16
C ASN B 22 0.72 -21.74 -2.40
N ILE B 23 0.44 -20.51 -2.00
CA ILE B 23 1.38 -19.40 -2.02
C ILE B 23 1.45 -18.83 -0.60
N LEU B 24 2.68 -18.63 -0.10
CA LEU B 24 2.96 -18.05 1.21
C LEU B 24 3.34 -16.60 1.03
N ASN B 25 2.64 -15.70 1.71
CA ASN B 25 2.89 -14.27 1.68
C ASN B 25 3.59 -13.79 2.91
N CYS B 26 4.43 -12.79 2.75
CA CYS B 26 5.02 -12.06 3.86
C CYS B 26 4.76 -10.58 3.58
N TYR B 27 3.80 -10.01 4.29
CA TYR B 27 3.37 -8.62 4.10
C TYR B 27 4.04 -7.71 5.14
N VAL B 28 5.02 -6.92 4.70
CA VAL B 28 5.85 -6.07 5.56
C VAL B 28 5.42 -4.62 5.38
N THR B 29 5.00 -3.99 6.46
CA THR B 29 4.42 -2.65 6.44
C THR B 29 4.98 -1.78 7.57
N GLN B 30 4.53 -0.48 7.59
CA GLN B 30 4.73 0.51 8.63
C GLN B 30 6.22 0.81 8.95
N PHE B 31 7.12 0.74 7.94
CA PHE B 31 8.54 0.99 8.12
C PHE B 31 9.04 2.25 7.37
N HIS B 32 10.16 2.81 7.88
CA HIS B 32 10.95 3.94 7.44
C HIS B 32 12.36 3.83 8.02
N PRO B 33 13.47 3.97 7.23
CA PRO B 33 13.55 4.33 5.80
C PRO B 33 13.13 3.18 4.85
N PRO B 34 12.98 3.40 3.51
CA PRO B 34 12.47 2.32 2.63
C PRO B 34 13.38 1.10 2.43
N HIS B 35 14.68 1.23 2.56
CA HIS B 35 15.61 0.11 2.38
C HIS B 35 15.26 -1.05 3.32
N ILE B 36 15.06 -2.24 2.74
CA ILE B 36 14.65 -3.43 3.49
C ILE B 36 15.15 -4.70 2.81
N GLU B 37 15.35 -5.76 3.61
CA GLU B 37 15.77 -7.07 3.14
C GLU B 37 14.84 -8.11 3.73
N ILE B 38 14.15 -8.86 2.86
CA ILE B 38 13.19 -9.90 3.23
C ILE B 38 13.64 -11.25 2.72
N GLN B 39 13.65 -12.23 3.61
CA GLN B 39 13.97 -13.64 3.39
C GLN B 39 12.76 -14.46 3.74
N MET B 40 12.57 -15.56 3.02
CA MET B 40 11.50 -16.48 3.29
C MET B 40 12.18 -17.79 3.53
N LEU B 41 11.73 -18.51 4.55
CA LEU B 41 12.43 -19.74 4.94
C LEU B 41 11.52 -20.93 5.07
N LYS B 42 12.05 -22.09 4.69
CA LYS B 42 11.41 -23.38 4.83
C LYS B 42 12.34 -24.23 5.66
N ASN B 43 11.84 -24.78 6.79
CA ASN B 43 12.58 -25.65 7.71
C ASN B 43 13.99 -25.11 8.06
N GLY B 44 14.06 -23.79 8.29
CA GLY B 44 15.28 -23.10 8.68
C GLY B 44 16.19 -22.61 7.58
N LYS B 45 16.06 -23.15 6.36
CA LYS B 45 16.87 -22.78 5.19
C LYS B 45 16.11 -21.81 4.27
N LYS B 46 16.84 -20.81 3.68
CA LYS B 46 16.29 -19.78 2.77
C LYS B 46 15.65 -20.39 1.56
N ILE B 47 14.52 -19.82 1.13
CA ILE B 47 13.79 -20.28 -0.06
C ILE B 47 14.36 -19.53 -1.26
N PRO B 48 14.96 -20.26 -2.25
CA PRO B 48 15.60 -19.57 -3.39
C PRO B 48 14.66 -18.61 -4.15
N LYS B 49 13.63 -19.12 -4.87
CA LYS B 49 12.76 -18.28 -5.68
C LYS B 49 11.67 -17.59 -4.82
N VAL B 50 11.88 -16.27 -4.55
CA VAL B 50 10.97 -15.41 -3.75
C VAL B 50 10.67 -14.13 -4.57
N GLU B 51 9.40 -13.96 -4.93
CA GLU B 51 8.97 -12.78 -5.68
C GLU B 51 8.65 -11.67 -4.71
N MET B 52 9.00 -10.46 -5.08
CA MET B 52 8.78 -9.23 -4.33
C MET B 52 7.93 -8.29 -5.15
N SER B 53 7.03 -7.57 -4.50
CA SER B 53 6.22 -6.55 -5.15
C SER B 53 7.00 -5.23 -5.15
N ASP B 54 6.56 -4.21 -5.92
CA ASP B 54 7.18 -2.91 -5.85
C ASP B 54 6.72 -2.25 -4.59
N MET B 55 7.63 -1.59 -3.92
CA MET B 55 7.32 -0.88 -2.70
C MET B 55 6.52 0.40 -2.97
N SER B 56 5.42 0.56 -2.24
CA SER B 56 4.59 1.77 -2.24
C SER B 56 4.58 2.29 -0.79
N PHE B 57 3.78 3.30 -0.51
CA PHE B 57 3.68 3.80 0.85
C PHE B 57 2.23 4.16 1.16
N SER B 58 1.91 4.28 2.46
CA SER B 58 0.58 4.58 2.99
C SER B 58 0.31 6.08 3.07
N LYS B 59 -0.92 6.46 3.48
CA LYS B 59 -1.30 7.85 3.66
C LYS B 59 -0.51 8.45 4.83
N ASP B 60 -0.04 7.59 5.77
CA ASP B 60 0.80 7.97 6.92
C ASP B 60 2.31 8.03 6.54
N TRP B 61 2.63 7.85 5.22
CA TRP B 61 3.94 7.91 4.55
C TRP B 61 4.83 6.67 4.75
N SER B 62 4.36 5.66 5.51
CA SER B 62 5.20 4.50 5.80
C SER B 62 5.12 3.51 4.65
N PHE B 63 6.22 2.81 4.42
CA PHE B 63 6.35 1.91 3.28
C PHE B 63 5.75 0.56 3.58
N TYR B 64 5.50 -0.21 2.50
CA TYR B 64 4.98 -1.56 2.55
C TYR B 64 5.38 -2.31 1.32
N ILE B 65 5.44 -3.64 1.46
CA ILE B 65 5.88 -4.50 0.39
C ILE B 65 5.42 -5.91 0.72
N LEU B 66 5.18 -6.68 -0.33
CA LEU B 66 4.77 -8.06 -0.24
C LEU B 66 5.82 -8.95 -0.88
N ALA B 67 6.25 -9.94 -0.14
CA ALA B 67 7.15 -11.01 -0.59
C ALA B 67 6.30 -12.26 -0.71
N HIS B 68 6.44 -13.03 -1.79
CA HIS B 68 5.65 -14.27 -1.87
C HIS B 68 6.46 -15.38 -2.52
N THR B 69 6.14 -16.60 -2.14
CA THR B 69 6.80 -17.78 -2.64
C THR B 69 5.79 -18.89 -2.67
N GLU B 70 6.04 -19.90 -3.52
CA GLU B 70 5.20 -21.08 -3.60
C GLU B 70 5.53 -21.99 -2.45
N PHE B 71 4.52 -22.62 -1.87
CA PHE B 71 4.78 -23.55 -0.79
C PHE B 71 3.70 -24.63 -0.79
N THR B 72 4.02 -25.77 -0.14
CA THR B 72 3.12 -26.88 0.00
C THR B 72 3.01 -27.17 1.51
N PRO B 73 1.98 -26.60 2.19
CA PRO B 73 1.85 -26.83 3.63
C PRO B 73 1.75 -28.30 3.99
N THR B 74 2.42 -28.66 5.09
CA THR B 74 2.39 -29.97 5.72
C THR B 74 2.16 -29.74 7.21
N GLU B 75 1.83 -30.79 7.95
CA GLU B 75 1.58 -30.71 9.39
C GLU B 75 2.85 -30.33 10.18
N THR B 76 4.04 -30.69 9.64
CA THR B 76 5.35 -30.65 10.28
C THR B 76 6.31 -29.53 9.79
N ASP B 77 6.22 -29.11 8.53
CA ASP B 77 7.11 -28.09 7.97
C ASP B 77 6.91 -26.69 8.60
N THR B 78 8.01 -26.00 8.84
CA THR B 78 8.05 -24.68 9.47
C THR B 78 8.31 -23.63 8.41
N TYR B 79 7.50 -22.57 8.41
CA TYR B 79 7.63 -21.47 7.45
C TYR B 79 7.78 -20.14 8.18
N ALA B 80 8.70 -19.31 7.72
CA ALA B 80 8.98 -18.04 8.35
C ALA B 80 9.38 -16.98 7.36
N CYS B 81 9.31 -15.76 7.84
CA CYS B 81 9.73 -14.62 7.10
C CYS B 81 10.70 -13.88 7.98
N ARG B 82 11.91 -13.60 7.45
CA ARG B 82 12.97 -12.91 8.16
C ARG B 82 13.26 -11.56 7.49
N VAL B 83 13.15 -10.50 8.27
CA VAL B 83 13.28 -9.14 7.81
C VAL B 83 14.45 -8.45 8.51
N LYS B 84 15.33 -7.84 7.70
CA LYS B 84 16.45 -7.01 8.12
C LYS B 84 16.10 -5.60 7.69
N HIS B 85 16.21 -4.66 8.61
CA HIS B 85 15.91 -3.24 8.43
C HIS B 85 16.85 -2.44 9.38
N ALA B 86 17.20 -1.16 9.05
CA ALA B 86 18.11 -0.30 9.84
C ALA B 86 17.67 -0.14 11.28
N SER B 87 16.34 -0.01 11.50
CA SER B 87 15.68 0.19 12.80
C SER B 87 15.84 -1.02 13.77
N MET B 88 16.52 -2.11 13.36
CA MET B 88 16.67 -3.30 14.20
C MET B 88 18.11 -3.79 14.22
N ALA B 89 18.65 -4.11 15.41
CA ALA B 89 20.02 -4.60 15.59
C ALA B 89 20.13 -6.10 15.23
N GLU B 90 18.99 -6.77 15.14
CA GLU B 90 18.89 -8.19 14.78
C GLU B 90 17.68 -8.37 13.84
N PRO B 91 17.69 -9.38 12.95
CA PRO B 91 16.53 -9.58 12.08
C PRO B 91 15.30 -10.01 12.86
N LYS B 92 14.12 -9.60 12.41
CA LYS B 92 12.83 -9.94 13.01
C LYS B 92 12.27 -11.09 12.20
N THR B 93 11.96 -12.20 12.86
CA THR B 93 11.44 -13.38 12.18
C THR B 93 10.01 -13.62 12.63
N VAL B 94 9.11 -13.84 11.68
CA VAL B 94 7.72 -14.14 12.01
C VAL B 94 7.41 -15.50 11.43
N TYR B 95 6.96 -16.43 12.29
CA TYR B 95 6.62 -17.79 11.89
C TYR B 95 5.18 -17.87 11.42
N TRP B 96 4.95 -18.73 10.42
CA TRP B 96 3.63 -18.94 9.83
C TRP B 96 2.76 -19.72 10.78
N ASP B 97 1.57 -19.18 11.04
CA ASP B 97 0.58 -19.78 11.88
C ASP B 97 -0.64 -19.92 11.03
N ARG B 98 -0.99 -21.16 10.66
CA ARG B 98 -2.08 -21.46 9.75
C ARG B 98 -3.50 -21.07 10.26
N ASP B 99 -3.62 -20.52 11.48
CA ASP B 99 -4.91 -20.09 12.02
C ASP B 99 -5.04 -18.56 11.99
N MET B 100 -4.03 -17.85 11.41
CA MET B 100 -4.03 -16.40 11.37
C MET B 100 -3.51 -15.79 10.02
N VAL C 1 -1.77 9.40 -16.80
CA VAL C 1 -0.38 9.84 -16.71
C VAL C 1 -0.17 10.69 -15.43
N GLY C 2 1.09 10.85 -15.03
CA GLY C 2 1.49 11.64 -13.88
C GLY C 2 1.76 13.09 -14.25
N ILE C 3 2.43 13.82 -13.37
CA ILE C 3 2.73 15.22 -13.61
C ILE C 3 4.24 15.49 -13.38
N THR C 4 4.75 16.60 -13.93
CA THR C 4 6.13 17.01 -13.76
C THR C 4 6.28 17.64 -12.39
N ASN C 5 7.34 17.26 -11.67
CA ASN C 5 7.56 17.83 -10.36
C ASN C 5 8.23 19.19 -10.48
N VAL C 6 7.75 20.13 -9.66
CA VAL C 6 8.34 21.48 -9.54
C VAL C 6 9.37 21.36 -8.41
N ASP C 7 10.65 21.75 -8.65
CA ASP C 7 11.76 21.69 -7.68
C ASP C 7 11.42 22.38 -6.36
N LEU C 8 11.77 21.72 -5.25
CA LEU C 8 11.49 22.17 -3.89
C LEU C 8 12.47 23.29 -3.51
#